data_7CK4
#
_entry.id   7CK4
#
_cell.length_a   126.146
_cell.length_b   126.146
_cell.length_c   152.900
_cell.angle_alpha   90.00
_cell.angle_beta   90.00
_cell.angle_gamma   90.00
#
_symmetry.space_group_name_H-M   'I 4'
#
_entity_poly.entity_id   1
_entity_poly.type   'polypeptide(L)'
_entity_poly.pdbx_seq_one_letter_code
;MGSSHHHHHHSSGLVPRGSHMASVVDAVERYSVGLDDIVYRLHSYGMGSVNDAYPPYNLVKESNVKWRIEMALAGWSPDA
VEVSTESNVLLIKSKAPHQHTDPDHEYIHRGVSTRTFARGFNLSDDVEIGKVSFQDGLLVIDLQKIIPDHQKLKVYEIQN
SQLPESNGVSSSDTL
;
_entity_poly.pdbx_strand_id   A,B,C,D,E,F
#
# COMPACT_ATOMS: atom_id res chain seq x y z
N ALA A 53 1.25 -29.41 -8.65
CA ALA A 53 1.75 -29.89 -7.32
C ALA A 53 2.54 -31.19 -7.49
N TYR A 54 1.98 -32.14 -8.24
CA TYR A 54 2.77 -33.30 -8.69
C TYR A 54 3.97 -32.76 -9.48
N PRO A 55 5.18 -33.24 -9.15
CA PRO A 55 6.27 -32.87 -10.03
C PRO A 55 5.93 -33.39 -11.44
N PRO A 56 6.51 -32.77 -12.49
CA PRO A 56 6.03 -32.90 -13.87
C PRO A 56 6.54 -34.16 -14.58
N TYR A 57 5.79 -35.25 -14.44
CA TYR A 57 6.18 -36.58 -14.94
C TYR A 57 5.43 -36.86 -16.23
N ASN A 58 5.99 -37.74 -17.06
CA ASN A 58 5.37 -38.16 -18.31
C ASN A 58 5.65 -39.66 -18.52
N LEU A 59 4.64 -40.39 -19.01
CA LEU A 59 4.77 -41.84 -19.26
C LEU A 59 4.56 -42.12 -20.75
N VAL A 60 5.52 -42.81 -21.34
CA VAL A 60 5.60 -43.01 -22.79
C VAL A 60 5.50 -44.51 -23.10
N LYS A 61 4.49 -44.85 -23.89
CA LYS A 61 3.98 -46.20 -24.07
C LYS A 61 4.45 -46.77 -25.42
N GLU A 62 5.63 -47.41 -25.43
CA GLU A 62 6.32 -47.81 -26.69
C GLU A 62 5.55 -48.94 -27.40
N SER A 63 5.72 -50.16 -26.91
CA SER A 63 5.22 -51.36 -27.57
C SER A 63 4.34 -52.15 -26.60
N ASN A 64 4.10 -53.43 -26.89
CA ASN A 64 3.39 -54.31 -25.97
C ASN A 64 4.30 -54.69 -24.80
N VAL A 65 5.61 -54.66 -25.04
CA VAL A 65 6.60 -55.15 -24.09
C VAL A 65 7.27 -53.97 -23.37
N LYS A 66 7.20 -52.76 -23.92
CA LYS A 66 8.07 -51.67 -23.48
C LYS A 66 7.26 -50.42 -23.13
N TRP A 67 7.54 -49.88 -21.94
CA TRP A 67 6.95 -48.63 -21.44
C TRP A 67 8.08 -47.75 -20.89
N ARG A 68 8.24 -46.54 -21.43
CA ARG A 68 9.29 -45.61 -20.99
C ARG A 68 8.71 -44.55 -20.05
N ILE A 69 9.53 -44.08 -19.11
CA ILE A 69 9.14 -43.03 -18.16
C ILE A 69 10.04 -41.81 -18.40
N GLU A 70 9.43 -40.63 -18.52
CA GLU A 70 10.16 -39.38 -18.75
C GLU A 70 10.02 -38.48 -17.51
N MET A 71 11.14 -37.86 -17.10
CA MET A 71 11.28 -37.33 -15.76
C MET A 71 11.93 -35.93 -15.78
N ALA A 72 11.29 -34.97 -15.13
CA ALA A 72 11.82 -33.60 -15.03
C ALA A 72 12.47 -33.39 -13.65
N LEU A 73 13.77 -33.65 -13.59
CA LEU A 73 14.56 -33.38 -12.39
C LEU A 73 15.69 -32.40 -12.77
N ALA A 74 15.44 -31.12 -12.49
CA ALA A 74 16.40 -30.05 -12.80
C ALA A 74 17.03 -29.56 -11.49
N GLY A 75 18.36 -29.66 -11.41
CA GLY A 75 19.11 -29.22 -10.22
C GLY A 75 19.42 -30.37 -9.28
N TRP A 76 18.80 -31.52 -9.51
CA TRP A 76 18.97 -32.69 -8.65
C TRP A 76 20.29 -33.39 -9.00
N SER A 77 21.19 -33.46 -8.02
CA SER A 77 22.43 -34.24 -8.16
C SER A 77 22.11 -35.73 -7.98
N PRO A 78 23.00 -36.63 -8.46
CA PRO A 78 22.69 -38.06 -8.44
C PRO A 78 22.86 -38.71 -7.06
N ASP A 79 23.52 -38.02 -6.14
CA ASP A 79 23.69 -38.48 -4.76
C ASP A 79 22.36 -38.33 -4.02
N ALA A 80 21.58 -37.32 -4.41
CA ALA A 80 20.27 -37.03 -3.83
C ALA A 80 19.26 -38.11 -4.24
N VAL A 81 19.29 -38.49 -5.52
CA VAL A 81 18.25 -39.30 -6.13
C VAL A 81 18.44 -40.77 -5.74
N GLU A 82 17.32 -41.42 -5.44
CA GLU A 82 17.30 -42.84 -5.08
C GLU A 82 16.00 -43.49 -5.60
N VAL A 83 16.15 -44.53 -6.41
CA VAL A 83 15.03 -45.33 -6.92
C VAL A 83 14.97 -46.62 -6.08
N SER A 84 13.80 -47.28 -6.05
CA SER A 84 13.63 -48.53 -5.28
C SER A 84 12.61 -49.46 -5.98
N THR A 85 12.91 -50.77 -5.96
CA THR A 85 12.04 -51.80 -6.58
C THR A 85 11.69 -52.86 -5.52
N GLU A 86 10.46 -52.80 -5.03
CA GLU A 86 9.98 -53.74 -4.01
C GLU A 86 8.77 -54.49 -4.56
N SER A 87 8.97 -55.77 -4.90
CA SER A 87 7.89 -56.66 -5.37
C SER A 87 7.22 -56.11 -6.65
N ASN A 88 8.05 -55.66 -7.58
CA ASN A 88 7.59 -55.09 -8.86
C ASN A 88 6.64 -53.92 -8.60
N VAL A 89 7.04 -53.05 -7.66
CA VAL A 89 6.35 -51.79 -7.37
C VAL A 89 7.42 -50.70 -7.25
N LEU A 90 7.47 -49.80 -8.23
CA LEU A 90 8.57 -48.84 -8.35
C LEU A 90 8.35 -47.65 -7.42
N LEU A 91 9.34 -47.39 -6.58
CA LEU A 91 9.37 -46.21 -5.73
C LEU A 91 10.56 -45.33 -6.15
N ILE A 92 10.28 -44.17 -6.72
CA ILE A 92 11.31 -43.17 -6.98
C ILE A 92 11.28 -42.16 -5.83
N LYS A 93 12.43 -41.97 -5.19
CA LYS A 93 12.52 -41.12 -3.99
C LYS A 93 13.64 -40.10 -4.15
N SER A 94 13.25 -38.87 -4.48
CA SER A 94 14.17 -37.74 -4.48
C SER A 94 14.32 -37.20 -3.05
N LYS A 95 15.55 -37.19 -2.55
CA LYS A 95 15.83 -36.73 -1.18
C LYS A 95 17.03 -35.79 -1.22
N ALA A 96 16.81 -34.50 -0.95
CA ALA A 96 17.89 -33.53 -0.85
C ALA A 96 18.73 -33.84 0.40
N PRO A 97 19.89 -34.52 0.22
CA PRO A 97 20.70 -34.97 1.34
C PRO A 97 21.61 -33.88 1.90
N HIS A 98 21.75 -32.78 1.15
CA HIS A 98 22.49 -31.62 1.58
C HIS A 98 21.54 -30.65 2.30
N GLN A 99 20.24 -30.75 1.98
CA GLN A 99 19.18 -29.96 2.61
C GLN A 99 19.53 -28.47 2.53
N HIS A 100 19.49 -27.93 1.31
CA HIS A 100 19.76 -26.51 1.08
C HIS A 100 18.72 -25.68 1.85
N THR A 101 19.20 -24.72 2.63
CA THR A 101 18.34 -23.90 3.49
C THR A 101 17.63 -22.84 2.64
N ASP A 102 16.72 -22.12 3.28
CA ASP A 102 16.05 -20.95 2.69
C ASP A 102 16.55 -19.69 3.42
N PRO A 103 17.80 -19.29 3.14
CA PRO A 103 18.36 -18.13 3.79
C PRO A 103 17.87 -16.83 3.13
N ASP A 104 18.03 -15.72 3.82
CA ASP A 104 17.59 -14.42 3.33
C ASP A 104 18.76 -13.42 3.36
N HIS A 105 19.95 -13.88 2.96
CA HIS A 105 21.11 -12.99 2.80
C HIS A 105 20.72 -11.87 1.83
N GLU A 106 20.20 -12.25 0.67
CA GLU A 106 19.56 -11.32 -0.26
C GLU A 106 18.67 -12.08 -1.25
N TYR A 107 18.07 -13.19 -0.83
CA TYR A 107 17.35 -14.11 -1.73
C TYR A 107 15.90 -13.64 -1.90
N ILE A 108 15.37 -13.77 -3.12
CA ILE A 108 14.02 -13.28 -3.50
C ILE A 108 13.13 -14.50 -3.85
N HIS A 109 11.81 -14.28 -4.00
CA HIS A 109 10.82 -15.26 -4.51
C HIS A 109 11.48 -16.54 -5.03
N ARG A 110 11.07 -17.69 -4.49
CA ARG A 110 11.47 -19.00 -5.02
C ARG A 110 10.21 -19.79 -5.44
N GLY A 111 9.82 -19.65 -6.70
CA GLY A 111 8.64 -20.33 -7.24
C GLY A 111 8.86 -21.83 -7.39
N VAL A 112 10.05 -22.21 -7.86
CA VAL A 112 10.45 -23.62 -7.97
C VAL A 112 10.90 -24.10 -6.59
N SER A 113 10.19 -25.10 -6.04
CA SER A 113 10.43 -25.62 -4.70
C SER A 113 10.83 -27.10 -4.77
N THR A 114 11.86 -27.48 -4.00
CA THR A 114 12.45 -28.83 -4.08
C THR A 114 13.17 -29.21 -2.78
N ARG A 115 12.81 -30.35 -2.20
CA ARG A 115 13.47 -30.90 -0.99
C ARG A 115 13.42 -32.45 -1.01
N THR A 116 12.29 -33.04 -0.56
CA THR A 116 12.12 -34.50 -0.45
C THR A 116 10.73 -34.91 -0.94
N PHE A 117 10.65 -35.83 -1.92
CA PHE A 117 9.37 -36.37 -2.42
C PHE A 117 9.45 -37.90 -2.53
N ALA A 118 8.30 -38.56 -2.65
CA ALA A 118 8.24 -40.01 -2.81
C ALA A 118 7.01 -40.41 -3.64
N ARG A 119 7.19 -41.41 -4.51
CA ARG A 119 6.16 -41.84 -5.44
C ARG A 119 6.13 -43.37 -5.52
N GLY A 120 5.00 -43.93 -5.93
CA GLY A 120 4.83 -45.37 -6.03
C GLY A 120 3.89 -45.78 -7.15
N PHE A 121 4.20 -46.90 -7.82
CA PHE A 121 3.35 -47.45 -8.88
C PHE A 121 3.50 -48.97 -8.93
N ASN A 122 2.39 -49.69 -8.71
CA ASN A 122 2.40 -51.15 -8.84
C ASN A 122 2.44 -51.52 -10.32
N LEU A 123 3.55 -52.12 -10.74
CA LEU A 123 3.71 -52.59 -12.11
C LEU A 123 3.29 -54.06 -12.21
N SER A 124 2.82 -54.44 -13.38
CA SER A 124 2.59 -55.84 -13.69
C SER A 124 3.95 -56.55 -13.76
N ASP A 125 4.02 -57.71 -13.11
CA ASP A 125 5.26 -58.47 -13.01
C ASP A 125 5.78 -58.80 -14.43
N ASP A 126 7.09 -59.01 -14.62
CA ASP A 126 8.12 -59.02 -13.56
C ASP A 126 9.13 -57.90 -13.85
N VAL A 127 8.69 -56.65 -13.88
CA VAL A 127 9.39 -55.55 -14.60
C VAL A 127 10.91 -55.55 -14.34
N GLU A 128 11.67 -55.42 -15.43
CA GLU A 128 13.14 -55.18 -15.43
C GLU A 128 13.43 -53.77 -15.98
N ILE A 129 14.69 -53.37 -15.94
CA ILE A 129 15.14 -52.06 -16.45
C ILE A 129 16.02 -52.28 -17.68
N GLY A 130 15.95 -51.35 -18.63
CA GLY A 130 16.70 -51.42 -19.90
C GLY A 130 17.81 -50.38 -19.96
N LYS A 131 17.43 -49.11 -19.93
CA LYS A 131 18.40 -47.99 -19.90
C LYS A 131 17.85 -46.85 -19.04
N VAL A 132 18.76 -45.99 -18.59
CA VAL A 132 18.42 -44.72 -17.95
C VAL A 132 19.43 -43.69 -18.44
N SER A 133 18.97 -42.58 -19.01
CA SER A 133 19.86 -41.64 -19.70
C SER A 133 19.69 -40.22 -19.17
N PHE A 134 20.64 -39.78 -18.34
CA PHE A 134 20.62 -38.44 -17.74
C PHE A 134 21.11 -37.43 -18.78
N GLN A 135 20.19 -36.63 -19.33
CA GLN A 135 20.53 -35.68 -20.40
C GLN A 135 19.72 -34.39 -20.24
N ASP A 136 20.38 -33.35 -19.74
CA ASP A 136 19.81 -32.00 -19.58
C ASP A 136 18.58 -32.05 -18.67
N GLY A 137 18.78 -32.52 -17.43
CA GLY A 137 17.78 -32.41 -16.35
C GLY A 137 16.54 -33.26 -16.59
N LEU A 138 16.69 -34.29 -17.42
CA LEU A 138 15.59 -35.21 -17.71
C LEU A 138 16.10 -36.66 -17.59
N LEU A 139 15.24 -37.54 -17.09
CA LEU A 139 15.55 -38.99 -17.01
C LEU A 139 14.59 -39.77 -17.91
N VAL A 140 15.14 -40.53 -18.86
CA VAL A 140 14.34 -41.40 -19.75
C VAL A 140 14.65 -42.86 -19.39
N ILE A 141 13.77 -43.46 -18.58
CA ILE A 141 13.95 -44.82 -18.10
C ILE A 141 13.19 -45.78 -19.03
N ASP A 142 13.84 -46.86 -19.46
CA ASP A 142 13.26 -47.82 -20.41
C ASP A 142 13.00 -49.17 -19.73
N LEU A 143 11.73 -49.48 -19.49
CA LEU A 143 11.31 -50.76 -18.94
C LEU A 143 10.77 -51.63 -20.08
N GLN A 144 11.15 -52.92 -20.08
CA GLN A 144 10.92 -53.79 -21.25
C GLN A 144 10.54 -55.21 -20.81
N LYS A 145 9.24 -55.49 -20.69
CA LYS A 145 8.76 -56.83 -20.31
C LYS A 145 7.29 -57.02 -20.70
N ILE A 146 6.96 -58.28 -21.05
CA ILE A 146 5.60 -58.80 -21.35
C ILE A 146 5.74 -59.86 -22.45
N ILE A 147 5.33 -61.09 -22.15
CA ILE A 147 5.38 -62.21 -23.10
C ILE A 147 4.05 -62.96 -23.04
N PRO A 148 3.03 -62.45 -23.76
CA PRO A 148 1.72 -63.07 -23.77
C PRO A 148 1.61 -64.21 -24.79
N ASP A 149 2.33 -64.10 -25.91
CA ASP A 149 2.31 -65.08 -26.99
C ASP A 149 0.89 -65.22 -27.55
N HIS A 150 0.15 -64.11 -27.61
CA HIS A 150 -1.19 -64.05 -28.24
C HIS A 150 -1.48 -62.61 -28.72
N GLN A 151 -0.83 -62.23 -29.84
CA GLN A 151 -0.94 -60.89 -30.41
C GLN A 151 -1.59 -60.95 -31.80
N LYS A 152 -2.42 -61.98 -32.05
CA LYS A 152 -2.99 -62.23 -33.39
C LYS A 152 -4.30 -61.45 -33.55
N LEU A 153 -4.47 -60.83 -34.73
CA LEU A 153 -5.42 -59.73 -34.92
C LEU A 153 -6.14 -59.87 -36.28
N LYS A 154 -6.33 -61.10 -36.73
CA LYS A 154 -6.84 -61.35 -38.07
C LYS A 154 -7.78 -62.55 -38.05
N VAL A 155 -9.07 -62.24 -38.23
CA VAL A 155 -10.13 -63.24 -38.34
C VAL A 155 -11.29 -62.59 -39.11
N TYR A 156 -11.90 -63.32 -40.05
CA TYR A 156 -13.00 -62.79 -40.88
C TYR A 156 -14.00 -63.90 -41.22
N GLU A 157 -15.27 -63.53 -41.37
CA GLU A 157 -16.30 -64.45 -41.89
C GLU A 157 -17.41 -63.63 -42.56
N ILE A 158 -17.71 -63.98 -43.80
CA ILE A 158 -18.63 -63.21 -44.65
C ILE A 158 -19.74 -64.14 -45.16
N TYR B 54 3.68 -21.29 -18.60
CA TYR B 54 5.04 -20.67 -18.59
C TYR B 54 5.96 -21.49 -17.67
N PRO B 55 7.24 -21.65 -18.08
CA PRO B 55 8.23 -22.29 -17.20
C PRO B 55 8.36 -21.53 -15.87
N PRO B 56 8.91 -22.17 -14.82
CA PRO B 56 8.93 -21.63 -13.44
C PRO B 56 10.26 -20.97 -13.02
N TYR B 57 10.18 -19.72 -12.55
CA TYR B 57 11.36 -18.84 -12.46
C TYR B 57 11.69 -18.53 -11.00
N ASN B 58 12.98 -18.65 -10.66
CA ASN B 58 13.52 -18.31 -9.34
C ASN B 58 14.47 -17.11 -9.48
N LEU B 59 14.52 -16.27 -8.45
CA LEU B 59 15.28 -15.01 -8.48
C LEU B 59 16.08 -14.85 -7.17
N VAL B 60 17.33 -14.40 -7.30
CA VAL B 60 18.23 -14.25 -6.15
C VAL B 60 19.18 -13.07 -6.40
N LYS B 61 19.46 -12.30 -5.34
CA LYS B 61 20.57 -11.35 -5.31
C LYS B 61 21.76 -12.02 -4.60
N GLU B 62 22.92 -12.08 -5.27
CA GLU B 62 24.16 -12.47 -4.59
C GLU B 62 24.57 -11.30 -3.69
N SER B 63 24.54 -10.13 -4.30
CA SER B 63 24.73 -8.85 -3.66
C SER B 63 23.77 -7.84 -4.31
N ASN B 64 23.98 -6.55 -4.09
CA ASN B 64 23.31 -5.53 -4.89
C ASN B 64 23.86 -5.57 -6.33
N VAL B 65 25.12 -6.03 -6.50
CA VAL B 65 25.75 -6.06 -7.83
C VAL B 65 24.95 -7.03 -8.68
N LYS B 66 24.69 -8.19 -8.11
CA LYS B 66 24.42 -9.37 -8.88
C LYS B 66 22.97 -9.79 -8.73
N TRP B 67 22.31 -10.01 -9.86
CA TRP B 67 21.11 -10.80 -9.92
C TRP B 67 21.47 -12.17 -10.53
N ARG B 68 20.91 -13.24 -9.96
CA ARG B 68 21.11 -14.60 -10.48
C ARG B 68 19.73 -15.25 -10.70
N ILE B 69 19.49 -15.64 -11.96
CA ILE B 69 18.23 -16.26 -12.34
C ILE B 69 18.51 -17.75 -12.64
N GLU B 70 17.68 -18.62 -12.08
CA GLU B 70 17.79 -20.06 -12.30
C GLU B 70 16.50 -20.57 -12.95
N MET B 71 16.63 -21.41 -13.97
CA MET B 71 15.50 -21.69 -14.84
C MET B 71 15.43 -23.18 -15.22
N ALA B 72 14.27 -23.77 -14.94
CA ALA B 72 13.93 -25.12 -15.35
C ALA B 72 13.41 -25.12 -16.80
N LEU B 73 14.29 -25.47 -17.74
CA LEU B 73 13.90 -25.75 -19.13
C LEU B 73 14.28 -27.19 -19.46
N ALA B 74 13.30 -28.09 -19.37
CA ALA B 74 13.52 -29.52 -19.53
C ALA B 74 13.16 -29.96 -20.95
N GLY B 75 14.10 -30.62 -21.62
CA GLY B 75 13.90 -31.13 -22.99
C GLY B 75 14.37 -30.14 -24.05
N TRP B 76 14.60 -28.91 -23.61
CA TRP B 76 14.99 -27.83 -24.50
C TRP B 76 16.46 -28.01 -24.91
N SER B 77 16.74 -27.73 -26.18
CA SER B 77 18.05 -27.99 -26.79
C SER B 77 18.76 -26.64 -27.06
N PRO B 78 20.01 -26.67 -27.60
CA PRO B 78 20.77 -25.42 -27.74
C PRO B 78 20.31 -24.53 -28.92
N ASP B 79 19.74 -25.14 -29.96
CA ASP B 79 19.22 -24.41 -31.11
C ASP B 79 17.81 -23.89 -30.81
N ALA B 80 17.13 -24.51 -29.84
CA ALA B 80 15.76 -24.14 -29.47
C ALA B 80 15.74 -22.83 -28.68
N VAL B 81 16.88 -22.47 -28.05
CA VAL B 81 16.95 -21.26 -27.23
C VAL B 81 17.83 -20.22 -27.93
N GLU B 82 17.25 -19.04 -28.17
CA GLU B 82 17.97 -17.88 -28.70
C GLU B 82 17.56 -16.65 -27.87
N VAL B 83 18.52 -15.98 -27.24
CA VAL B 83 18.27 -14.83 -26.35
C VAL B 83 18.49 -13.53 -27.15
N SER B 84 17.85 -12.44 -26.73
CA SER B 84 18.02 -11.14 -27.39
C SER B 84 18.01 -10.00 -26.36
N THR B 85 18.71 -8.92 -26.69
CA THR B 85 18.72 -7.68 -25.90
C THR B 85 18.09 -6.56 -26.73
N GLU B 86 16.98 -6.00 -26.26
CA GLU B 86 16.21 -5.02 -27.02
C GLU B 86 15.77 -3.86 -26.11
N SER B 87 16.35 -2.68 -26.32
CA SER B 87 15.88 -1.42 -25.72
C SER B 87 16.07 -1.43 -24.19
N ASN B 88 17.25 -1.86 -23.73
CA ASN B 88 17.53 -2.04 -22.30
C ASN B 88 16.52 -3.03 -21.70
N VAL B 89 16.18 -4.07 -22.46
CA VAL B 89 15.24 -5.12 -22.03
C VAL B 89 15.75 -6.47 -22.56
N LEU B 90 15.88 -7.46 -21.68
CA LEU B 90 16.32 -8.80 -22.07
C LEU B 90 15.09 -9.64 -22.49
N LEU B 91 15.21 -10.33 -23.61
CA LEU B 91 14.17 -11.24 -24.08
C LEU B 91 14.76 -12.66 -24.25
N ILE B 92 14.35 -13.56 -23.36
CA ILE B 92 14.72 -14.98 -23.45
C ILE B 92 13.58 -15.71 -24.17
N LYS B 93 13.83 -16.08 -25.42
CA LYS B 93 12.82 -16.73 -26.24
C LYS B 93 13.15 -18.23 -26.36
N SER B 94 12.12 -19.06 -26.22
CA SER B 94 12.25 -20.51 -26.38
C SER B 94 11.31 -20.98 -27.48
N LYS B 95 11.89 -21.35 -28.63
CA LYS B 95 11.10 -21.77 -29.80
C LYS B 95 11.50 -23.19 -30.18
N ALA B 96 10.50 -24.08 -30.24
CA ALA B 96 10.71 -25.45 -30.70
C ALA B 96 11.13 -25.45 -32.17
N PRO B 97 12.37 -25.90 -32.47
CA PRO B 97 12.84 -26.02 -33.85
C PRO B 97 12.43 -27.35 -34.51
N HIS B 98 11.75 -28.22 -33.75
CA HIS B 98 11.08 -29.41 -34.29
C HIS B 98 9.58 -29.31 -33.99
N GLN B 99 8.71 -29.61 -34.97
CA GLN B 99 7.27 -29.79 -34.69
C GLN B 99 7.12 -31.06 -33.84
N HIS B 100 7.14 -30.89 -32.51
CA HIS B 100 7.11 -32.03 -31.58
C HIS B 100 5.85 -32.87 -31.84
N THR B 101 5.99 -33.90 -32.69
CA THR B 101 4.88 -34.80 -33.01
C THR B 101 5.36 -36.24 -32.82
N ASP B 102 5.08 -36.80 -31.63
CA ASP B 102 5.24 -38.22 -31.38
C ASP B 102 4.15 -38.97 -32.14
N PRO B 103 4.41 -40.24 -32.52
CA PRO B 103 3.41 -41.00 -33.26
C PRO B 103 2.11 -41.15 -32.45
N ASP B 104 1.08 -40.41 -32.83
CA ASP B 104 -0.21 -40.37 -32.13
C ASP B 104 -0.69 -41.80 -31.85
N HIS B 105 -0.50 -42.67 -32.83
CA HIS B 105 -0.89 -44.08 -32.77
C HIS B 105 -0.50 -44.69 -31.42
N GLU B 106 0.72 -44.40 -30.98
CA GLU B 106 1.30 -45.02 -29.79
C GLU B 106 1.12 -44.08 -28.59
N TYR B 107 1.61 -42.84 -28.71
CA TYR B 107 1.68 -41.91 -27.57
C TYR B 107 0.79 -40.69 -27.81
N ILE B 108 -0.07 -40.38 -26.83
CA ILE B 108 -0.90 -39.15 -26.86
C ILE B 108 -1.00 -38.57 -25.44
N HIS B 109 -1.58 -39.34 -24.53
CA HIS B 109 -2.04 -38.84 -23.23
C HIS B 109 -0.87 -38.37 -22.35
N ARG B 110 -0.92 -37.10 -21.96
CA ARG B 110 0.09 -36.50 -21.10
C ARG B 110 -0.59 -35.48 -20.17
N GLY B 111 0.16 -35.00 -19.18
CA GLY B 111 -0.28 -33.96 -18.28
C GLY B 111 0.32 -32.61 -18.65
N PHE B 117 7.48 -19.78 -25.99
CA PHE B 117 7.20 -18.64 -25.10
C PHE B 117 8.28 -17.56 -25.25
N ALA B 118 7.95 -16.36 -24.79
CA ALA B 118 8.88 -15.24 -24.75
C ALA B 118 8.71 -14.49 -23.42
N ARG B 119 9.81 -13.94 -22.90
CA ARG B 119 9.80 -13.26 -21.61
C ARG B 119 10.58 -11.95 -21.73
N GLY B 120 10.02 -10.88 -21.19
CA GLY B 120 10.66 -9.56 -21.20
C GLY B 120 10.74 -8.95 -19.82
N PHE B 121 11.90 -8.37 -19.50
CA PHE B 121 12.12 -7.72 -18.20
C PHE B 121 13.09 -6.55 -18.39
N ASN B 122 12.71 -5.39 -17.84
CA ASN B 122 13.44 -4.14 -18.10
C ASN B 122 14.74 -4.13 -17.29
N LEU B 123 15.82 -3.65 -17.90
CA LEU B 123 17.13 -3.58 -17.24
C LEU B 123 17.37 -2.15 -16.72
N SER B 124 17.94 -2.05 -15.52
CA SER B 124 18.10 -0.79 -14.75
C SER B 124 19.49 -0.17 -14.94
N ASP B 125 19.75 0.38 -16.14
CA ASP B 125 21.07 0.90 -16.62
C ASP B 125 22.15 0.90 -15.52
N ASP B 126 23.34 0.30 -15.71
CA ASP B 126 23.87 -0.28 -16.97
C ASP B 126 24.33 -1.73 -16.72
N VAL B 127 23.80 -2.70 -17.49
CA VAL B 127 23.93 -4.16 -17.20
C VAL B 127 25.31 -4.62 -17.71
N GLU B 128 25.88 -5.58 -17.00
CA GLU B 128 27.07 -6.28 -17.46
C GLU B 128 26.82 -7.78 -17.26
N ILE B 129 26.68 -8.51 -18.37
CA ILE B 129 26.35 -9.95 -18.31
C ILE B 129 27.61 -10.73 -17.95
N GLY B 130 27.48 -11.59 -16.94
CA GLY B 130 28.57 -12.45 -16.48
C GLY B 130 28.56 -13.79 -17.19
N LYS B 131 27.92 -14.77 -16.54
CA LYS B 131 27.98 -16.18 -16.97
C LYS B 131 26.57 -16.75 -17.07
N VAL B 132 26.40 -17.69 -18.00
CA VAL B 132 25.13 -18.32 -18.32
C VAL B 132 25.38 -19.81 -18.60
N SER B 133 25.05 -20.69 -17.65
CA SER B 133 25.45 -22.12 -17.74
C SER B 133 24.23 -23.03 -18.04
N PHE B 134 24.33 -23.81 -19.13
CA PHE B 134 23.27 -24.76 -19.56
C PHE B 134 23.61 -26.18 -19.07
N GLN B 135 23.30 -26.46 -17.81
CA GLN B 135 23.72 -27.70 -17.15
C GLN B 135 22.52 -28.40 -16.52
N ASP B 136 22.36 -29.68 -16.82
CA ASP B 136 21.35 -30.53 -16.17
C ASP B 136 19.98 -29.84 -16.18
N GLY B 137 19.60 -29.32 -17.34
CA GLY B 137 18.26 -28.77 -17.56
C GLY B 137 18.01 -27.50 -16.76
N LEU B 138 19.07 -26.74 -16.47
CA LEU B 138 18.94 -25.47 -15.75
C LEU B 138 19.64 -24.37 -16.56
N LEU B 139 19.09 -23.16 -16.50
CA LEU B 139 19.75 -21.95 -16.98
C LEU B 139 20.12 -21.09 -15.78
N VAL B 140 21.43 -20.90 -15.56
CA VAL B 140 21.93 -20.13 -14.42
C VAL B 140 22.67 -18.89 -14.94
N ILE B 141 21.97 -17.77 -14.96
CA ILE B 141 22.44 -16.52 -15.55
C ILE B 141 22.91 -15.58 -14.42
N ASP B 142 24.09 -14.97 -14.57
CA ASP B 142 24.64 -14.04 -13.55
C ASP B 142 24.76 -12.63 -14.14
N LEU B 143 23.94 -11.69 -13.66
CA LEU B 143 23.93 -10.31 -14.16
C LEU B 143 24.55 -9.39 -13.10
N GLN B 144 24.91 -8.17 -13.52
CA GLN B 144 25.62 -7.20 -12.65
C GLN B 144 25.11 -5.77 -12.93
N LYS B 145 24.76 -5.04 -11.86
CA LYS B 145 24.31 -3.64 -11.96
C LYS B 145 24.25 -2.97 -10.58
N ILE B 146 25.03 -1.92 -10.37
CA ILE B 146 24.90 -1.07 -9.18
C ILE B 146 25.26 0.38 -9.55
N ILE B 147 26.51 0.68 -9.22
CA ILE B 147 27.12 1.99 -9.11
C ILE B 147 26.04 3.08 -9.24
N PRO B 148 25.40 3.44 -8.10
CA PRO B 148 24.47 4.56 -8.08
C PRO B 148 25.14 5.88 -7.67
N ASP B 149 26.47 5.88 -7.50
CA ASP B 149 27.26 7.08 -7.19
C ASP B 149 26.90 7.64 -5.81
N HIS B 150 26.03 6.97 -5.06
CA HIS B 150 25.46 7.53 -3.84
C HIS B 150 25.25 6.41 -2.82
N ALA C 53 1.14 -8.72 11.71
CA ALA C 53 1.08 -7.32 12.22
C ALA C 53 2.40 -6.58 11.92
N TYR C 54 2.41 -5.78 10.85
CA TYR C 54 3.53 -4.88 10.61
C TYR C 54 3.46 -3.74 11.64
N PRO C 55 4.62 -3.28 12.14
CA PRO C 55 4.59 -2.21 13.13
C PRO C 55 4.01 -0.92 12.52
N PRO C 56 3.78 0.13 13.35
CA PRO C 56 3.15 1.39 12.93
C PRO C 56 4.08 2.61 12.96
N TYR C 57 3.87 3.59 12.09
CA TYR C 57 4.94 4.54 11.73
C TYR C 57 4.40 5.91 11.31
N ASN C 58 5.06 6.97 11.75
CA ASN C 58 4.68 8.37 11.47
C ASN C 58 5.69 9.01 10.53
N LEU C 59 5.21 9.91 9.66
CA LEU C 59 6.06 10.67 8.75
C LEU C 59 5.79 12.16 8.96
N VAL C 60 6.85 12.89 9.33
CA VAL C 60 6.79 14.35 9.48
C VAL C 60 7.42 14.98 8.24
N LYS C 61 6.87 16.13 7.86
CA LYS C 61 7.12 16.70 6.57
C LYS C 61 7.57 18.16 6.73
N GLU C 62 8.80 18.33 7.24
CA GLU C 62 9.36 19.64 7.66
C GLU C 62 9.30 20.64 6.49
N SER C 63 10.25 20.52 5.56
CA SER C 63 10.33 21.41 4.40
C SER C 63 10.19 20.58 3.12
N ASN C 64 10.60 21.15 1.99
CA ASN C 64 10.69 20.41 0.74
C ASN C 64 12.08 19.76 0.63
N VAL C 65 13.02 20.18 1.48
CA VAL C 65 14.37 19.63 1.51
C VAL C 65 14.45 18.53 2.58
N LYS C 66 13.56 18.56 3.57
CA LYS C 66 13.73 17.73 4.76
C LYS C 66 12.45 16.95 5.08
N TRP C 67 12.59 15.64 5.22
CA TRP C 67 11.51 14.73 5.59
C TRP C 67 11.98 13.83 6.73
N ARG C 68 11.34 13.93 7.90
CA ARG C 68 11.74 13.18 9.09
C ARG C 68 10.79 11.99 9.30
N ILE C 69 11.36 10.85 9.68
CA ILE C 69 10.61 9.62 9.88
C ILE C 69 10.66 9.25 11.38
N GLU C 70 9.54 8.74 11.88
CA GLU C 70 9.43 8.32 13.29
C GLU C 70 8.96 6.87 13.34
N MET C 71 9.86 5.98 13.77
CA MET C 71 9.61 4.54 13.74
C MET C 71 9.38 4.02 15.17
N ALA C 72 8.44 3.08 15.30
CA ALA C 72 8.09 2.49 16.60
C ALA C 72 8.78 1.14 16.76
N LEU C 73 9.93 1.14 17.45
CA LEU C 73 10.65 -0.08 17.77
C LEU C 73 10.89 -0.14 19.28
N ALA C 74 10.03 -0.89 19.97
CA ALA C 74 10.14 -1.09 21.41
C ALA C 74 10.81 -2.44 21.69
N GLY C 75 11.80 -2.43 22.58
CA GLY C 75 12.51 -3.64 23.00
C GLY C 75 13.63 -4.03 22.05
N TRP C 76 13.93 -3.18 21.09
CA TRP C 76 14.94 -3.46 20.07
C TRP C 76 16.28 -2.83 20.47
N SER C 77 17.33 -3.65 20.49
CA SER C 77 18.70 -3.20 20.77
C SER C 77 19.31 -2.62 19.49
N PRO C 78 20.39 -1.78 19.62
CA PRO C 78 20.94 -1.02 18.48
C PRO C 78 21.97 -1.78 17.61
N ASP C 79 22.12 -3.08 17.85
CA ASP C 79 22.96 -3.96 17.02
C ASP C 79 22.06 -4.85 16.13
N ALA C 80 20.84 -5.09 16.60
CA ALA C 80 19.78 -5.72 15.80
C ALA C 80 19.48 -4.84 14.58
N VAL C 81 19.20 -3.57 14.85
CA VAL C 81 18.68 -2.63 13.88
C VAL C 81 19.82 -2.22 12.92
N GLU C 82 19.46 -2.08 11.65
CA GLU C 82 20.42 -1.74 10.60
C GLU C 82 19.70 -0.89 9.53
N VAL C 83 20.27 0.26 9.19
CA VAL C 83 19.75 1.10 8.10
C VAL C 83 20.75 1.05 6.94
N SER C 84 20.23 1.13 5.72
CA SER C 84 21.06 1.12 4.52
C SER C 84 20.45 2.05 3.46
N SER C 87 21.01 2.79 -3.97
CA SER C 87 20.48 3.18 -5.29
C SER C 87 19.32 4.19 -5.15
N ASN C 88 19.45 5.12 -4.20
CA ASN C 88 18.43 6.15 -3.93
C ASN C 88 17.14 5.48 -3.43
N VAL C 89 17.30 4.41 -2.64
CA VAL C 89 16.18 3.69 -2.01
C VAL C 89 16.59 3.34 -0.57
N LEU C 90 15.78 3.77 0.40
CA LEU C 90 16.10 3.56 1.81
C LEU C 90 15.54 2.22 2.28
N LEU C 91 16.32 1.51 3.10
CA LEU C 91 15.88 0.26 3.71
C LEU C 91 16.15 0.31 5.22
N ILE C 92 15.08 0.26 6.01
CA ILE C 92 15.17 0.18 7.48
C ILE C 92 14.85 -1.26 7.90
N LYS C 93 15.89 -2.04 8.15
CA LYS C 93 15.77 -3.45 8.47
C LYS C 93 15.95 -3.63 9.98
N SER C 94 15.01 -4.36 10.60
CA SER C 94 15.13 -4.79 11.99
C SER C 94 15.34 -6.31 12.04
N LYS C 95 16.50 -6.75 12.50
CA LYS C 95 16.89 -8.17 12.40
C LYS C 95 17.41 -8.67 13.75
N ALA C 96 16.56 -9.45 14.44
CA ALA C 96 16.91 -10.07 15.72
C ALA C 96 18.24 -10.83 15.60
N PRO C 97 19.29 -10.35 16.29
CA PRO C 97 20.59 -11.00 16.36
C PRO C 97 20.74 -11.91 17.59
N HIS C 98 20.34 -11.42 18.77
CA HIS C 98 20.46 -12.16 20.04
C HIS C 98 19.24 -11.85 20.92
N GLN C 99 18.19 -12.66 20.80
CA GLN C 99 16.94 -12.47 21.56
C GLN C 99 16.44 -13.84 22.06
N HIS C 100 15.37 -13.84 22.86
CA HIS C 100 14.82 -15.07 23.45
C HIS C 100 13.83 -15.73 22.50
N THR C 101 13.80 -17.07 22.50
CA THR C 101 12.77 -17.86 21.80
C THR C 101 11.65 -18.19 22.80
N ASP C 102 10.41 -18.13 22.34
CA ASP C 102 9.23 -18.27 23.23
C ASP C 102 8.94 -19.74 23.52
N PRO C 103 8.18 -20.01 24.60
CA PRO C 103 7.57 -21.29 24.91
C PRO C 103 6.03 -21.20 25.00
N ASP C 104 5.39 -22.28 25.46
CA ASP C 104 3.93 -22.31 25.64
C ASP C 104 3.57 -22.68 27.10
N HIS C 105 4.57 -22.74 27.98
CA HIS C 105 4.40 -23.25 29.34
C HIS C 105 4.39 -22.08 30.34
N GLU C 106 5.51 -21.37 30.42
CA GLU C 106 5.66 -20.25 31.34
C GLU C 106 4.95 -19.03 30.74
N TYR C 107 5.40 -18.62 29.55
CA TYR C 107 4.88 -17.46 28.82
C TYR C 107 3.93 -17.95 27.71
N ILE C 108 2.74 -17.34 27.61
CA ILE C 108 1.78 -17.72 26.57
C ILE C 108 1.34 -16.46 25.80
N HIS C 109 0.23 -15.85 26.21
CA HIS C 109 -0.54 -14.97 25.33
C HIS C 109 0.15 -13.61 25.15
N ARG C 110 -0.08 -13.01 23.99
CA ARG C 110 0.48 -11.70 23.64
C ARG C 110 -0.54 -10.91 22.80
N GLY C 111 -0.27 -9.62 22.63
CA GLY C 111 -1.00 -8.77 21.70
C GLY C 111 -0.06 -8.09 20.71
N THR C 114 7.03 -9.80 17.36
CA THR C 114 8.39 -9.25 17.35
C THR C 114 9.38 -10.28 16.81
N ARG C 115 9.79 -10.13 15.55
CA ARG C 115 10.60 -11.14 14.85
C ARG C 115 11.70 -10.44 14.03
N THR C 116 11.40 -10.16 12.75
CA THR C 116 12.31 -9.49 11.81
C THR C 116 11.46 -8.74 10.77
N PHE C 117 11.81 -7.49 10.43
CA PHE C 117 11.05 -6.71 9.44
C PHE C 117 12.00 -5.94 8.51
N ALA C 118 11.53 -5.71 7.28
CA ALA C 118 12.27 -4.92 6.28
C ALA C 118 11.30 -4.01 5.52
N ARG C 119 11.79 -2.83 5.15
CA ARG C 119 10.96 -1.76 4.56
C ARG C 119 11.72 -1.09 3.41
N GLY C 120 10.99 -0.68 2.38
CA GLY C 120 11.59 -0.02 1.21
C GLY C 120 10.77 1.16 0.72
N PHE C 121 11.45 2.25 0.39
CA PHE C 121 10.80 3.46 -0.13
C PHE C 121 11.70 4.14 -1.17
N ASN C 122 11.25 4.13 -2.42
CA ASN C 122 12.01 4.74 -3.51
C ASN C 122 11.89 6.26 -3.41
N LEU C 123 12.93 6.89 -2.86
CA LEU C 123 12.98 8.36 -2.76
C LEU C 123 13.62 8.93 -4.03
N SER C 124 13.24 10.16 -4.35
CA SER C 124 13.92 10.93 -5.39
C SER C 124 15.38 11.15 -4.97
N ASP C 125 16.28 11.18 -5.95
CA ASP C 125 17.73 11.21 -5.70
C ASP C 125 18.11 12.58 -5.11
N ASP C 126 19.19 12.69 -4.30
CA ASP C 126 20.19 11.66 -4.02
C ASP C 126 20.38 11.52 -2.49
N VAL C 127 19.34 11.08 -1.78
CA VAL C 127 19.15 11.33 -0.32
C VAL C 127 20.40 10.97 0.50
N GLU C 128 20.70 11.82 1.49
CA GLU C 128 21.67 11.53 2.56
C GLU C 128 20.94 11.47 3.89
N ILE C 129 21.61 10.95 4.91
CA ILE C 129 21.05 10.87 6.27
C ILE C 129 21.67 12.00 7.10
N GLY C 130 20.90 12.47 8.09
CA GLY C 130 21.33 13.54 8.99
C GLY C 130 21.61 13.05 10.40
N LYS C 131 20.55 12.66 11.13
CA LYS C 131 20.67 12.22 12.53
C LYS C 131 19.58 11.21 12.88
N VAL C 132 19.98 10.13 13.55
CA VAL C 132 19.07 9.09 14.03
C VAL C 132 19.11 9.09 15.57
N SER C 133 17.95 9.25 16.21
CA SER C 133 17.88 9.34 17.69
C SER C 133 16.99 8.23 18.25
N PHE C 134 17.56 7.42 19.15
CA PHE C 134 16.87 6.27 19.76
C PHE C 134 16.42 6.64 21.19
N GLN C 135 15.16 7.04 21.35
CA GLN C 135 14.65 7.51 22.66
C GLN C 135 13.17 7.13 22.82
N ASP C 136 12.83 6.62 24.00
CA ASP C 136 11.46 6.16 24.35
C ASP C 136 11.01 5.06 23.38
N GLY C 137 11.95 4.25 22.89
CA GLY C 137 11.64 3.20 21.94
C GLY C 137 11.18 3.74 20.58
N LEU C 138 11.60 4.97 20.27
CA LEU C 138 11.25 5.61 19.00
C LEU C 138 12.53 5.96 18.26
N LEU C 139 12.54 5.69 16.96
CA LEU C 139 13.61 6.13 16.08
C LEU C 139 13.14 7.37 15.32
N VAL C 140 13.88 8.47 15.44
CA VAL C 140 13.55 9.71 14.72
C VAL C 140 14.68 10.01 13.73
N ILE C 141 14.50 9.57 12.49
CA ILE C 141 15.52 9.71 11.45
C ILE C 141 15.25 11.00 10.67
N ASP C 142 16.30 11.79 10.48
CA ASP C 142 16.23 13.04 9.71
C ASP C 142 16.91 12.84 8.36
N LEU C 143 16.22 13.20 7.28
CA LEU C 143 16.76 13.16 5.93
C LEU C 143 16.64 14.57 5.33
N GLN C 144 17.74 15.07 4.75
CA GLN C 144 17.81 16.47 4.32
C GLN C 144 18.45 16.57 2.92
N LYS C 145 17.62 16.68 1.89
CA LYS C 145 18.09 16.89 0.51
C LYS C 145 16.93 17.36 -0.38
N ILE C 146 17.26 18.18 -1.38
CA ILE C 146 16.36 18.63 -2.47
C ILE C 146 16.59 20.14 -2.70
N ILE C 147 16.89 20.50 -3.95
CA ILE C 147 16.82 21.90 -4.43
C ILE C 147 16.19 21.86 -5.83
N PRO C 148 14.85 22.03 -5.93
CA PRO C 148 14.19 21.97 -7.23
C PRO C 148 14.11 23.33 -7.95
N ASP C 149 14.60 24.39 -7.31
CA ASP C 149 14.57 25.76 -7.86
C ASP C 149 13.12 26.16 -8.19
N HIS C 150 12.16 25.48 -7.56
CA HIS C 150 10.74 25.72 -7.76
C HIS C 150 10.02 25.45 -6.44
N GLN C 151 9.95 26.47 -5.60
CA GLN C 151 9.18 26.43 -4.36
C GLN C 151 8.45 27.77 -4.21
N LYS C 152 7.91 28.27 -5.32
CA LYS C 152 7.43 29.65 -5.42
C LYS C 152 6.00 29.72 -4.86
N LEU C 153 5.86 30.45 -3.75
CA LEU C 153 4.60 30.55 -3.00
C LEU C 153 3.82 31.81 -3.42
N LYS C 154 3.48 31.96 -4.70
CA LYS C 154 2.99 33.27 -5.16
C LYS C 154 1.95 33.16 -6.29
N VAL C 155 1.44 34.35 -6.61
CA VAL C 155 0.78 34.76 -7.87
C VAL C 155 -0.64 35.22 -7.54
N TYR C 156 -0.87 36.54 -7.65
CA TYR C 156 -2.15 37.18 -7.33
C TYR C 156 -2.34 38.45 -8.17
N GLU C 157 -3.54 38.63 -8.73
CA GLU C 157 -3.92 39.88 -9.43
C GLU C 157 -5.40 40.21 -9.15
N ILE C 158 -5.88 41.31 -9.73
CA ILE C 158 -7.32 41.63 -9.75
C ILE C 158 -7.75 41.76 -11.21
N ALA D 53 -8.23 3.10 20.52
CA ALA D 53 -7.14 2.12 20.26
C ALA D 53 -6.21 2.02 21.48
N TYR D 54 -6.40 0.95 22.25
CA TYR D 54 -5.59 0.71 23.44
C TYR D 54 -4.24 0.13 23.00
N PRO D 55 -3.18 0.32 23.82
CA PRO D 55 -1.88 -0.33 23.58
C PRO D 55 -2.01 -1.86 23.65
N PRO D 56 -0.91 -2.61 23.40
CA PRO D 56 -0.98 -4.09 23.45
C PRO D 56 -0.34 -4.74 24.69
N TYR D 57 -1.13 -5.52 25.45
CA TYR D 57 -0.72 -6.03 26.76
C TYR D 57 -0.51 -7.55 26.72
N ASN D 58 0.55 -8.00 27.40
CA ASN D 58 0.94 -9.42 27.48
C ASN D 58 1.17 -9.81 28.95
N LEU D 59 0.42 -10.81 29.44
CA LEU D 59 0.48 -11.23 30.85
C LEU D 59 1.03 -12.66 30.95
N VAL D 60 1.78 -12.95 32.01
CA VAL D 60 2.51 -14.22 32.14
C VAL D 60 2.75 -14.56 33.61
N LYS D 61 2.72 -15.87 33.91
CA LYS D 61 3.20 -16.41 35.19
C LYS D 61 4.61 -16.97 35.00
N GLU D 62 5.59 -16.37 35.69
CA GLU D 62 6.92 -16.96 35.72
C GLU D 62 6.79 -18.33 36.39
N SER D 63 6.24 -18.30 37.61
CA SER D 63 6.06 -19.47 38.44
C SER D 63 4.73 -19.34 39.20
N ASN D 64 4.64 -19.98 40.36
CA ASN D 64 3.52 -19.75 41.28
C ASN D 64 3.72 -18.39 41.96
N VAL D 65 4.93 -17.92 42.15
CA VAL D 65 5.02 -16.57 42.79
C VAL D 65 5.70 -15.58 41.83
N LYS D 66 5.17 -15.38 40.62
CA LYS D 66 5.87 -14.46 39.68
C LYS D 66 4.98 -13.96 38.52
N TRP D 67 4.03 -13.04 38.70
CA TRP D 67 3.40 -12.57 37.49
C TRP D 67 4.36 -11.58 36.80
N ARG D 68 4.20 -11.36 35.49
CA ARG D 68 5.07 -10.43 34.75
C ARG D 68 4.30 -9.72 33.63
N ILE D 69 4.09 -8.42 33.81
CA ILE D 69 3.43 -7.58 32.82
C ILE D 69 4.50 -6.90 31.96
N GLU D 70 4.43 -7.12 30.65
CA GLU D 70 5.29 -6.41 29.70
C GLU D 70 4.41 -5.53 28.81
N MET D 71 4.85 -4.29 28.57
CA MET D 71 3.97 -3.28 27.98
C MET D 71 4.73 -2.38 26.99
N ALA D 72 4.20 -2.32 25.77
CA ALA D 72 4.68 -1.41 24.72
C ALA D 72 4.01 -0.04 24.89
N LEU D 73 4.80 0.95 25.30
CA LEU D 73 4.37 2.36 25.30
C LEU D 73 5.45 3.20 24.60
N ALA D 74 5.19 3.53 23.34
CA ALA D 74 6.14 4.28 22.51
C ALA D 74 5.81 5.77 22.56
N GLY D 75 6.83 6.59 22.79
CA GLY D 75 6.68 8.05 22.81
C GLY D 75 6.18 8.56 24.15
N TRP D 76 6.01 7.66 25.11
CA TRP D 76 5.48 8.03 26.42
C TRP D 76 6.65 8.36 27.35
N SER D 77 6.52 9.50 28.04
CA SER D 77 7.59 10.06 28.88
C SER D 77 7.41 9.57 30.33
N PRO D 78 8.04 10.23 31.34
CA PRO D 78 7.95 9.74 32.73
C PRO D 78 6.97 10.47 33.65
N ASP D 79 6.22 11.45 33.12
CA ASP D 79 5.26 12.23 33.92
C ASP D 79 3.83 12.08 33.38
N ALA D 80 3.68 11.49 32.20
CA ALA D 80 2.36 11.20 31.65
C ALA D 80 1.77 9.98 32.36
N VAL D 81 2.60 8.95 32.56
CA VAL D 81 2.13 7.63 33.00
C VAL D 81 1.95 7.63 34.53
N GLU D 82 0.84 7.03 34.97
CA GLU D 82 0.50 6.89 36.38
C GLU D 82 -0.18 5.52 36.59
N VAL D 83 0.30 4.74 37.55
CA VAL D 83 -0.31 3.44 37.88
C VAL D 83 -0.94 3.53 39.28
N SER D 84 -1.97 2.73 39.53
CA SER D 84 -2.67 2.74 40.83
C SER D 84 -3.20 1.35 41.19
N THR D 85 -3.09 1.02 42.47
CA THR D 85 -3.63 -0.23 43.04
C THR D 85 -4.93 0.11 43.79
N GLU D 86 -6.08 -0.29 43.24
CA GLU D 86 -7.39 0.09 43.81
C GLU D 86 -8.28 -1.15 43.97
N SER D 87 -8.65 -1.46 45.22
CA SER D 87 -9.65 -2.48 45.55
C SER D 87 -9.27 -3.85 44.98
N ASN D 88 -8.01 -4.24 45.17
CA ASN D 88 -7.47 -5.51 44.64
C ASN D 88 -7.61 -5.53 43.11
N VAL D 89 -7.37 -4.40 42.47
CA VAL D 89 -7.43 -4.27 41.01
C VAL D 89 -6.35 -3.26 40.56
N LEU D 90 -5.44 -3.71 39.70
CA LEU D 90 -4.39 -2.82 39.17
C LEU D 90 -4.95 -1.99 38.02
N LEU D 91 -4.64 -0.71 38.02
CA LEU D 91 -5.04 0.20 36.96
C LEU D 91 -3.80 0.94 36.43
N ALA D 96 -1.99 11.90 28.74
CA ALA D 96 -1.34 13.04 28.11
C ALA D 96 -1.63 14.30 28.93
N PRO D 97 -0.63 14.78 29.70
CA PRO D 97 -0.87 15.89 30.62
C PRO D 97 -0.96 17.25 29.90
N HIS D 98 -0.24 17.40 28.78
CA HIS D 98 -0.32 18.60 27.94
C HIS D 98 -0.22 18.19 26.46
N GLN D 99 -1.30 18.46 25.70
CA GLN D 99 -1.40 18.04 24.30
C GLN D 99 -1.11 19.23 23.38
N HIS D 100 -0.90 18.93 22.11
CA HIS D 100 -0.34 19.89 21.17
C HIS D 100 -1.29 20.09 19.99
N THR D 101 -1.24 21.30 19.41
CA THR D 101 -1.94 21.60 18.16
C THR D 101 -1.01 21.27 16.99
N ASP D 102 -1.18 20.07 16.45
CA ASP D 102 -0.29 19.56 15.41
C ASP D 102 -0.47 20.40 14.14
N PRO D 103 0.66 20.82 13.51
CA PRO D 103 0.64 21.57 12.25
C PRO D 103 0.40 20.65 11.04
N ASP D 104 -0.61 20.98 10.24
CA ASP D 104 -1.15 20.09 9.21
C ASP D 104 -0.09 19.80 8.14
N HIS D 105 0.71 20.81 7.78
CA HIS D 105 1.67 20.68 6.69
C HIS D 105 2.72 19.62 7.01
N GLU D 106 3.28 19.70 8.21
CA GLU D 106 4.33 18.79 8.62
C GLU D 106 3.72 17.46 9.07
N TYR D 107 2.59 17.52 9.78
CA TYR D 107 1.91 16.33 10.28
C TYR D 107 0.77 15.99 9.32
N ILE D 108 1.12 15.36 8.22
CA ILE D 108 0.14 14.94 7.21
C ILE D 108 -0.61 13.71 7.74
N HIS D 109 0.13 12.64 8.03
CA HIS D 109 -0.44 11.44 8.64
C HIS D 109 0.58 10.81 9.60
N ARG D 110 0.21 10.75 10.88
CA ARG D 110 0.89 9.87 11.83
C ARG D 110 0.32 8.45 11.66
N GLY D 111 1.19 7.44 11.64
CA GLY D 111 0.76 6.04 11.57
C GLY D 111 0.78 5.37 12.94
N VAL D 112 0.92 6.18 13.99
CA VAL D 112 0.71 5.77 15.38
C VAL D 112 -0.09 6.86 16.09
N SER D 113 -0.85 6.48 17.11
CA SER D 113 -1.53 7.44 17.99
C SER D 113 -1.29 7.06 19.45
N THR D 114 -1.22 8.06 20.32
CA THR D 114 -0.98 7.86 21.75
C THR D 114 -1.83 8.85 22.56
N ALA D 118 -7.20 3.83 30.24
CA ALA D 118 -7.10 3.15 31.54
C ALA D 118 -7.42 1.66 31.36
N ARG D 119 -6.66 0.81 32.06
CA ARG D 119 -6.71 -0.64 31.87
C ARG D 119 -6.72 -1.35 33.22
N GLY D 120 -7.68 -2.25 33.42
CA GLY D 120 -7.87 -2.91 34.70
C GLY D 120 -7.75 -4.42 34.61
N PHE D 121 -7.22 -5.02 35.67
CA PHE D 121 -7.19 -6.47 35.83
C PHE D 121 -7.34 -6.81 37.32
N ASN D 122 -8.47 -7.40 37.68
CA ASN D 122 -8.75 -7.80 39.06
C ASN D 122 -7.74 -8.88 39.45
N LEU D 123 -7.10 -8.69 40.61
CA LEU D 123 -5.97 -9.53 41.00
C LEU D 123 -6.45 -10.73 41.81
N SER D 124 -5.67 -11.81 41.74
CA SER D 124 -5.91 -13.01 42.53
C SER D 124 -5.29 -12.83 43.92
N ASP D 125 -6.15 -12.94 44.94
CA ASP D 125 -5.74 -12.67 46.32
C ASP D 125 -4.38 -13.33 46.58
N ASP D 126 -3.35 -12.54 46.91
CA ASP D 126 -3.46 -11.09 47.15
C ASP D 126 -2.22 -10.39 46.59
N VAL D 127 -2.18 -9.95 45.32
CA VAL D 127 -0.92 -9.67 44.56
C VAL D 127 -0.10 -8.49 45.15
N GLU D 128 1.24 -8.55 45.02
CA GLU D 128 2.21 -7.52 45.54
C GLU D 128 3.23 -7.17 44.43
N ILE D 129 4.02 -6.12 44.66
CA ILE D 129 4.91 -5.55 43.62
C ILE D 129 6.36 -5.92 43.93
N GLY D 130 7.17 -6.02 42.86
CA GLY D 130 8.59 -6.37 42.93
C GLY D 130 9.48 -5.29 42.32
N LYS D 131 9.47 -5.15 40.99
CA LYS D 131 10.34 -4.21 40.28
C LYS D 131 9.73 -3.78 38.95
N VAL D 132 9.67 -2.46 38.75
CA VAL D 132 9.18 -1.83 37.53
C VAL D 132 10.38 -1.21 36.81
N SER D 133 10.44 -1.33 35.47
CA SER D 133 11.65 -0.94 34.72
C SER D 133 11.32 -0.46 33.30
N PHE D 134 11.55 0.84 33.03
CA PHE D 134 11.49 1.42 31.67
C PHE D 134 12.78 1.09 30.91
N GLN D 135 12.68 0.34 29.80
CA GLN D 135 13.85 0.01 28.97
C GLN D 135 13.42 -0.18 27.51
N ASP D 136 13.98 0.64 26.62
CA ASP D 136 13.73 0.56 25.17
C ASP D 136 12.24 0.77 24.86
N GLY D 137 11.56 1.62 25.63
CA GLY D 137 10.17 1.99 25.36
C GLY D 137 9.16 0.96 25.84
N LEU D 138 9.61 -0.04 26.62
CA LEU D 138 8.71 -1.07 27.17
C LEU D 138 8.46 -0.79 28.66
N LEU D 139 7.52 -1.54 29.23
CA LEU D 139 7.27 -1.53 30.66
C LEU D 139 7.24 -2.97 31.18
N VAL D 140 8.09 -3.27 32.15
CA VAL D 140 8.26 -4.64 32.67
C VAL D 140 8.05 -4.62 34.19
N ILE D 141 6.88 -5.12 34.62
CA ILE D 141 6.47 -5.08 36.04
C ILE D 141 6.53 -6.51 36.60
N ASP D 142 7.34 -6.71 37.65
CA ASP D 142 7.41 -7.99 38.37
C ASP D 142 6.46 -7.95 39.57
N LEU D 143 5.59 -8.95 39.69
CA LEU D 143 4.70 -9.08 40.86
C LEU D 143 4.92 -10.45 41.52
N GLN D 144 4.79 -10.49 42.85
CA GLN D 144 5.17 -11.67 43.65
C GLN D 144 4.05 -12.03 44.64
N LYS D 145 3.42 -13.21 44.52
CA LYS D 145 2.52 -13.70 45.59
C LYS D 145 2.16 -15.17 45.42
N ILE D 146 2.06 -15.85 46.57
CA ILE D 146 1.77 -17.29 46.65
C ILE D 146 0.90 -17.55 47.88
N ILE D 147 1.57 -18.13 48.88
CA ILE D 147 1.02 -18.91 50.00
C ILE D 147 -0.40 -19.40 49.69
N PRO D 148 -0.52 -20.62 49.09
CA PRO D 148 -1.76 -21.38 49.02
C PRO D 148 -1.80 -22.53 50.05
N ASP D 149 -0.71 -22.71 50.79
CA ASP D 149 -0.53 -23.81 51.75
C ASP D 149 -0.62 -25.17 51.03
N HIS D 150 -0.36 -25.21 49.72
CA HIS D 150 -0.51 -26.43 48.92
C HIS D 150 0.42 -26.40 47.70
N GLN D 151 1.59 -27.02 47.83
CA GLN D 151 2.54 -27.18 46.73
C GLN D 151 3.13 -28.59 46.78
N LYS D 152 2.27 -29.60 46.91
CA LYS D 152 2.70 -30.97 47.24
C LYS D 152 2.30 -31.94 46.11
N LEU D 153 3.30 -32.60 45.55
CA LEU D 153 3.10 -33.58 44.47
C LEU D 153 3.17 -35.00 45.04
N LYS D 154 2.23 -35.84 44.64
CA LYS D 154 2.10 -37.17 45.20
C LYS D 154 1.68 -38.16 44.10
N VAL D 155 2.29 -39.35 44.12
CA VAL D 155 2.05 -40.42 43.13
C VAL D 155 2.50 -41.75 43.76
N TYR D 156 1.74 -42.83 43.53
CA TYR D 156 2.05 -44.18 44.05
C TYR D 156 1.47 -45.27 43.15
N GLU D 157 2.25 -46.31 42.84
CA GLU D 157 1.80 -47.62 42.28
C GLU D 157 2.62 -47.98 41.02
N ILE D 158 2.65 -49.28 40.71
CA ILE D 158 3.16 -49.81 39.44
C ILE D 158 1.95 -50.08 38.52
N ALA E 53 -28.64 16.45 -7.18
CA ALA E 53 -27.77 17.57 -6.70
C ALA E 53 -28.21 18.89 -7.36
N TYR E 54 -28.29 19.95 -6.56
CA TYR E 54 -28.61 21.31 -7.05
C TYR E 54 -27.63 22.29 -6.39
N PRO E 55 -27.67 23.59 -6.75
CA PRO E 55 -26.67 24.49 -6.18
C PRO E 55 -26.84 24.58 -4.65
N PRO E 56 -25.73 24.81 -3.90
CA PRO E 56 -25.72 24.74 -2.45
C PRO E 56 -26.14 26.06 -1.79
N TYR E 57 -27.40 26.13 -1.39
CA TYR E 57 -28.01 27.38 -0.94
C TYR E 57 -28.22 27.34 0.59
N ASN E 58 -28.13 28.52 1.21
CA ASN E 58 -28.21 28.67 2.66
C ASN E 58 -29.25 29.75 3.00
N LEU E 59 -30.13 29.46 3.95
CA LEU E 59 -31.18 30.39 4.36
C LEU E 59 -30.93 30.83 5.81
N VAL E 60 -30.60 32.11 6.00
CA VAL E 60 -30.42 32.66 7.35
C VAL E 60 -31.76 33.22 7.84
N LYS E 61 -32.05 32.92 9.10
CA LYS E 61 -33.33 33.21 9.69
C LYS E 61 -33.13 34.26 10.79
N GLU E 62 -33.11 35.54 10.39
CA GLU E 62 -32.71 36.65 11.26
C GLU E 62 -33.74 36.83 12.39
N SER E 63 -34.97 37.13 12.02
CA SER E 63 -36.06 37.34 12.97
C SER E 63 -37.34 36.69 12.41
N ASN E 64 -38.43 36.80 13.15
CA ASN E 64 -39.74 36.36 12.65
C ASN E 64 -40.09 37.15 11.39
N VAL E 65 -39.74 38.43 11.36
CA VAL E 65 -40.11 39.33 10.27
C VAL E 65 -39.09 39.18 9.13
N LYS E 66 -37.82 38.92 9.45
CA LYS E 66 -36.74 39.09 8.47
C LYS E 66 -36.07 37.74 8.17
N TRP E 67 -35.99 37.44 6.88
CA TRP E 67 -35.36 36.22 6.38
C TRP E 67 -34.34 36.61 5.31
N ARG E 68 -33.13 36.06 5.42
CA ARG E 68 -32.05 36.38 4.48
C ARG E 68 -31.65 35.10 3.71
N ILE E 69 -31.37 35.27 2.42
CA ILE E 69 -31.08 34.14 1.52
C ILE E 69 -29.67 34.32 0.93
N GLU E 70 -28.85 33.27 1.01
CA GLU E 70 -27.47 33.29 0.52
C GLU E 70 -27.31 32.30 -0.64
N MET E 71 -27.19 32.82 -1.86
CA MET E 71 -27.17 31.98 -3.07
C MET E 71 -25.73 31.86 -3.60
N ALA E 72 -25.33 30.65 -3.98
CA ALA E 72 -24.00 30.39 -4.53
C ALA E 72 -24.07 30.24 -6.05
N LEU E 73 -23.79 31.34 -6.76
CA LEU E 73 -23.75 31.36 -8.22
C LEU E 73 -22.37 31.88 -8.67
N ALA E 74 -21.43 30.97 -8.81
CA ALA E 74 -20.06 31.32 -9.19
C ALA E 74 -19.94 31.36 -10.73
N GLY E 75 -19.37 32.45 -11.24
CA GLY E 75 -19.10 32.59 -12.67
C GLY E 75 -20.34 32.95 -13.47
N TRP E 76 -21.35 33.49 -12.79
CA TRP E 76 -22.60 33.88 -13.45
C TRP E 76 -22.63 35.40 -13.62
N SER E 77 -22.66 35.83 -14.88
CA SER E 77 -22.76 37.24 -15.23
C SER E 77 -24.16 37.77 -14.84
N PRO E 78 -24.31 39.09 -14.69
CA PRO E 78 -25.52 39.64 -14.07
C PRO E 78 -26.74 39.75 -15.02
N ASP E 79 -26.55 39.47 -16.31
CA ASP E 79 -27.63 39.56 -17.30
C ASP E 79 -28.22 38.17 -17.54
N ALA E 80 -27.49 37.13 -17.13
CA ALA E 80 -28.02 35.77 -17.13
C ALA E 80 -29.02 35.61 -15.98
N VAL E 81 -28.69 36.20 -14.83
CA VAL E 81 -29.48 36.04 -13.60
C VAL E 81 -30.64 37.03 -13.63
N GLU E 82 -31.79 36.57 -13.11
CA GLU E 82 -33.01 37.38 -13.03
C GLU E 82 -33.86 36.86 -11.87
N VAL E 83 -34.57 37.76 -11.19
CA VAL E 83 -35.44 37.37 -10.07
C VAL E 83 -36.83 37.98 -10.28
N SER E 84 -37.85 37.18 -9.95
CA SER E 84 -39.25 37.52 -10.19
C SER E 84 -40.07 37.31 -8.92
N THR E 85 -41.05 38.19 -8.70
CA THR E 85 -42.01 38.08 -7.59
C THR E 85 -43.44 38.02 -8.15
N GLU E 86 -44.07 36.85 -8.07
CA GLU E 86 -45.37 36.64 -8.68
C GLU E 86 -46.34 36.02 -7.67
N SER E 87 -47.45 36.70 -7.42
CA SER E 87 -48.56 36.18 -6.60
C SER E 87 -48.06 35.77 -5.21
N ASN E 88 -47.14 36.56 -4.64
CA ASN E 88 -46.59 36.30 -3.30
C ASN E 88 -45.84 34.96 -3.31
N VAL E 89 -45.11 34.72 -4.40
CA VAL E 89 -44.27 33.54 -4.59
C VAL E 89 -42.99 33.99 -5.33
N LEU E 90 -41.82 33.72 -4.75
CA LEU E 90 -40.55 34.16 -5.35
C LEU E 90 -40.06 33.13 -6.38
N LEU E 91 -39.35 33.62 -7.39
CA LEU E 91 -38.70 32.76 -8.39
C LEU E 91 -37.31 33.34 -8.72
N ILE E 92 -36.26 32.59 -8.38
CA ILE E 92 -34.86 32.95 -8.67
C ILE E 92 -34.37 32.10 -9.84
N LYS E 93 -34.34 32.70 -11.02
CA LYS E 93 -34.05 31.96 -12.24
C LYS E 93 -32.63 32.30 -12.73
N SER E 94 -31.76 31.30 -12.72
CA SER E 94 -30.48 31.37 -13.40
C SER E 94 -30.66 30.92 -14.86
N LYS E 95 -30.40 31.82 -15.80
CA LYS E 95 -30.69 31.55 -17.21
C LYS E 95 -29.50 31.99 -18.08
N ALA E 96 -28.69 31.02 -18.49
CA ALA E 96 -27.60 31.27 -19.45
C ALA E 96 -28.18 31.79 -20.77
N PRO E 97 -27.71 32.96 -21.24
CA PRO E 97 -28.24 33.54 -22.48
C PRO E 97 -27.74 32.79 -23.73
N HIS E 98 -26.45 32.43 -23.75
CA HIS E 98 -25.88 31.47 -24.71
C HIS E 98 -24.73 30.71 -24.04
N GLN E 99 -24.70 29.38 -24.19
CA GLN E 99 -23.63 28.57 -23.59
C GLN E 99 -22.34 28.76 -24.39
N HIS E 100 -21.25 29.00 -23.66
CA HIS E 100 -19.95 29.23 -24.28
C HIS E 100 -19.53 27.96 -25.01
N THR E 101 -19.71 27.96 -26.34
CA THR E 101 -19.43 26.80 -27.18
C THR E 101 -17.92 26.52 -27.15
N ASP E 102 -17.54 25.40 -26.54
CA ASP E 102 -16.14 25.05 -26.35
C ASP E 102 -15.92 23.58 -26.72
N PRO E 103 -14.67 23.21 -27.05
CA PRO E 103 -14.34 21.83 -27.46
C PRO E 103 -14.28 20.87 -26.26
N ASP E 104 -14.61 19.60 -26.49
CA ASP E 104 -14.72 18.60 -25.42
C ASP E 104 -13.44 17.75 -25.33
N HIS E 105 -12.41 18.10 -26.12
CA HIS E 105 -11.14 17.35 -26.11
C HIS E 105 -10.12 18.02 -25.18
N GLU E 106 -9.97 19.33 -25.33
CA GLU E 106 -9.02 20.11 -24.54
C GLU E 106 -9.54 20.23 -23.11
N TYR E 107 -10.86 20.31 -22.94
CA TYR E 107 -11.50 20.38 -21.63
C TYR E 107 -11.77 18.95 -21.15
N ILE E 108 -10.84 18.39 -20.38
CA ILE E 108 -10.85 16.95 -20.05
C ILE E 108 -12.07 16.64 -19.16
N HIS E 109 -12.25 17.42 -18.09
CA HIS E 109 -13.33 17.19 -17.13
C HIS E 109 -14.33 18.36 -17.19
N ARG E 110 -15.60 18.01 -17.31
CA ARG E 110 -16.69 18.99 -17.27
C ARG E 110 -17.79 18.44 -16.35
N GLY E 111 -17.40 18.03 -15.15
CA GLY E 111 -18.34 17.48 -14.18
C GLY E 111 -19.31 18.53 -13.66
N VAL E 112 -18.76 19.58 -13.06
CA VAL E 112 -19.56 20.70 -12.55
C VAL E 112 -19.65 21.77 -13.65
N SER E 113 -20.86 22.29 -13.88
CA SER E 113 -21.14 23.07 -15.09
C SER E 113 -22.15 24.19 -14.81
N THR E 114 -22.50 24.93 -15.87
CA THR E 114 -23.51 26.01 -15.84
C THR E 114 -24.49 25.86 -17.00
N ARG E 115 -25.78 25.75 -16.70
CA ARG E 115 -26.83 25.54 -17.71
C ARG E 115 -28.00 26.48 -17.42
N THR E 116 -29.10 25.95 -16.87
CA THR E 116 -30.33 26.74 -16.60
C THR E 116 -31.11 26.09 -15.45
N PHE E 117 -31.53 26.90 -14.48
CA PHE E 117 -32.29 26.39 -13.34
C PHE E 117 -33.34 27.42 -12.91
N ASN E 122 -43.45 29.58 -2.13
CA ASN E 122 -44.64 30.39 -1.83
C ASN E 122 -44.45 31.08 -0.48
N LEU E 123 -44.50 32.42 -0.48
CA LEU E 123 -44.22 33.18 0.74
C LEU E 123 -45.53 33.61 1.41
N SER E 124 -45.39 33.92 2.69
CA SER E 124 -46.48 34.47 3.49
C SER E 124 -46.60 35.97 3.24
N ASP E 125 -47.83 36.44 3.03
CA ASP E 125 -48.09 37.82 2.65
C ASP E 125 -47.55 38.76 3.75
N ASP E 126 -47.16 39.98 3.41
CA ASP E 126 -47.24 40.54 2.04
C ASP E 126 -45.83 40.91 1.55
N VAL E 127 -44.98 39.93 1.26
CA VAL E 127 -43.49 40.08 1.24
C VAL E 127 -43.02 41.28 0.38
N GLU E 128 -42.01 41.98 0.89
CA GLU E 128 -41.22 42.99 0.15
C GLU E 128 -39.75 42.58 0.14
N ILE E 129 -38.92 43.30 -0.61
CA ILE E 129 -37.48 43.05 -0.70
C ILE E 129 -36.73 44.26 -0.13
N GLY E 130 -35.69 43.98 0.66
CA GLY E 130 -34.88 45.02 1.32
C GLY E 130 -33.64 45.39 0.52
N LYS E 131 -32.76 44.40 0.32
CA LYS E 131 -31.52 44.58 -0.43
C LYS E 131 -31.12 43.26 -1.10
N VAL E 132 -30.38 43.37 -2.19
CA VAL E 132 -29.80 42.22 -2.90
C VAL E 132 -28.39 42.61 -3.35
N SER E 133 -27.37 42.05 -2.70
CA SER E 133 -25.97 42.43 -2.91
C SER E 133 -25.19 41.30 -3.61
N PHE E 134 -24.81 41.55 -4.87
CA PHE E 134 -24.02 40.61 -5.69
C PHE E 134 -22.53 40.96 -5.61
N GLN E 135 -21.71 40.07 -5.04
CA GLN E 135 -20.24 40.23 -5.10
C GLN E 135 -19.56 38.86 -4.93
N ASP E 136 -18.46 38.68 -5.65
CA ASP E 136 -17.64 37.45 -5.61
C ASP E 136 -18.54 36.22 -5.58
N GLY E 137 -19.45 36.15 -6.55
CA GLY E 137 -20.30 35.00 -6.76
C GLY E 137 -21.03 34.58 -5.50
N LEU E 138 -21.61 35.55 -4.79
CA LEU E 138 -22.49 35.27 -3.66
C LEU E 138 -23.63 36.29 -3.65
N LEU E 139 -24.86 35.78 -3.59
CA LEU E 139 -26.05 36.62 -3.53
C LEU E 139 -26.54 36.66 -2.08
N VAL E 140 -26.87 37.85 -1.58
CA VAL E 140 -27.38 38.02 -0.21
C VAL E 140 -28.66 38.86 -0.26
N ILE E 141 -29.82 38.19 -0.22
CA ILE E 141 -31.13 38.82 -0.39
C ILE E 141 -31.76 39.05 0.99
N ASP E 142 -32.11 40.30 1.31
CA ASP E 142 -32.72 40.65 2.59
C ASP E 142 -34.24 40.80 2.41
N LEU E 143 -35.01 39.96 3.09
CA LEU E 143 -36.47 40.05 3.10
C LEU E 143 -36.93 40.36 4.53
N GLN E 144 -37.90 41.25 4.66
CA GLN E 144 -38.34 41.75 5.97
C GLN E 144 -39.86 41.91 6.00
N LYS E 145 -40.61 40.87 6.39
CA LYS E 145 -42.06 41.00 6.55
C LYS E 145 -42.66 39.86 7.36
N ILE E 146 -43.63 40.24 8.21
CA ILE E 146 -44.49 39.35 9.02
C ILE E 146 -45.04 40.20 10.17
N ILE E 147 -46.36 40.33 10.23
CA ILE E 147 -47.02 41.08 11.31
C ILE E 147 -48.28 40.30 11.72
N PRO E 148 -48.16 39.45 12.77
CA PRO E 148 -49.32 38.77 13.35
C PRO E 148 -49.87 39.52 14.58
N ASP E 149 -49.24 40.64 14.95
CA ASP E 149 -49.60 41.45 16.12
C ASP E 149 -49.53 40.60 17.40
N HIS E 150 -48.77 39.51 17.35
CA HIS E 150 -48.63 38.57 18.48
C HIS E 150 -47.23 37.97 18.49
N GLN E 151 -46.28 38.71 19.07
CA GLN E 151 -44.90 38.24 19.20
C GLN E 151 -44.42 38.47 20.64
N LYS E 152 -45.32 38.30 21.61
CA LYS E 152 -44.97 38.41 23.05
C LYS E 152 -44.27 37.11 23.49
N LEU E 153 -43.18 37.24 24.25
CA LEU E 153 -42.31 36.10 24.62
C LEU E 153 -42.25 35.94 26.14
N LYS E 154 -43.42 35.95 26.80
CA LYS E 154 -43.46 36.03 28.26
C LYS E 154 -44.58 35.13 28.80
N VAL E 155 -44.37 34.64 30.02
CA VAL E 155 -45.36 33.98 30.92
C VAL E 155 -44.63 32.89 31.71
N TYR E 156 -44.69 32.97 33.04
CA TYR E 156 -44.01 32.03 33.94
C TYR E 156 -44.78 31.93 35.27
N GLU E 157 -44.82 30.73 35.85
CA GLU E 157 -45.61 30.48 37.06
C GLU E 157 -44.92 29.41 37.92
N ILE E 158 -45.53 29.12 39.07
CA ILE E 158 -45.10 28.05 39.98
C ILE E 158 -46.27 27.08 40.17
N PRO F 55 -15.05 20.81 -3.77
CA PRO F 55 -15.28 22.00 -4.61
C PRO F 55 -15.22 21.67 -6.11
N PRO F 56 -15.74 22.57 -6.95
CA PRO F 56 -16.00 22.37 -8.38
C PRO F 56 -14.96 23.01 -9.33
N TYR F 57 -14.28 22.18 -10.11
CA TYR F 57 -13.14 22.61 -10.94
C TYR F 57 -13.47 22.41 -12.42
N ASN F 58 -12.87 23.26 -13.27
CA ASN F 58 -12.98 23.14 -14.73
C ASN F 58 -11.59 23.38 -15.35
N LEU F 59 -11.35 22.82 -16.53
CA LEU F 59 -10.00 22.80 -17.14
C LEU F 59 -10.06 23.27 -18.60
N VAL F 60 -8.97 23.90 -19.06
CA VAL F 60 -8.84 24.42 -20.43
C VAL F 60 -7.38 24.31 -20.88
N LYS F 61 -7.16 23.87 -22.13
CA LYS F 61 -5.89 24.10 -22.85
C LYS F 61 -6.11 25.19 -23.90
N GLU F 62 -5.60 26.40 -23.66
CA GLU F 62 -5.69 27.45 -24.68
C GLU F 62 -4.94 26.95 -25.92
N SER F 63 -3.71 26.51 -25.69
CA SER F 63 -2.80 26.05 -26.72
C SER F 63 -1.95 24.92 -26.15
N ASN F 64 -0.86 24.58 -26.83
CA ASN F 64 0.17 23.73 -26.25
C ASN F 64 0.89 24.50 -25.12
N VAL F 65 0.96 25.82 -25.24
CA VAL F 65 1.70 26.64 -24.26
C VAL F 65 0.91 26.65 -22.96
N LYS F 66 -0.41 26.63 -23.07
CA LYS F 66 -1.26 27.22 -22.06
C LYS F 66 -2.23 26.19 -21.49
N TRP F 67 -2.17 26.04 -20.17
CA TRP F 67 -3.26 25.46 -19.37
C TRP F 67 -3.95 26.58 -18.58
N ARG F 68 -5.27 26.53 -18.49
CA ARG F 68 -6.04 27.49 -17.69
C ARG F 68 -7.01 26.73 -16.78
N ILE F 69 -6.97 27.03 -15.48
CA ILE F 69 -7.86 26.40 -14.48
C ILE F 69 -8.85 27.46 -13.97
N GLU F 70 -10.14 27.16 -14.09
CA GLU F 70 -11.21 28.06 -13.63
C GLU F 70 -11.84 27.45 -12.37
N MET F 71 -12.09 28.30 -11.38
CA MET F 71 -12.42 27.81 -10.05
C MET F 71 -13.50 28.67 -9.39
N ALA F 72 -14.45 28.01 -8.75
CA ALA F 72 -15.49 28.65 -7.95
C ALA F 72 -15.14 28.55 -6.46
N LEU F 73 -14.75 29.69 -5.87
CA LEU F 73 -14.59 29.83 -4.42
C LEU F 73 -15.47 31.00 -3.94
N ALA F 74 -16.62 30.67 -3.37
CA ALA F 74 -17.63 31.66 -2.99
C ALA F 74 -17.55 31.94 -1.49
N GLY F 75 -17.23 33.17 -1.12
CA GLY F 75 -17.16 33.59 0.29
C GLY F 75 -15.75 33.60 0.84
N TRP F 76 -14.85 32.86 0.18
CA TRP F 76 -13.45 32.75 0.62
C TRP F 76 -12.79 34.13 0.53
N SER F 77 -12.06 34.50 1.59
CA SER F 77 -11.44 35.82 1.72
C SER F 77 -9.98 35.76 1.22
N PRO F 78 -9.36 36.93 0.92
CA PRO F 78 -8.08 36.93 0.20
C PRO F 78 -6.88 36.42 1.04
N ASP F 79 -7.03 36.40 2.36
CA ASP F 79 -5.99 35.93 3.28
C ASP F 79 -6.09 34.41 3.45
N ALA F 80 -7.28 33.88 3.21
CA ALA F 80 -7.50 32.44 3.29
C ALA F 80 -6.74 31.72 2.18
N VAL F 81 -6.75 32.30 0.97
CA VAL F 81 -6.26 31.60 -0.24
C VAL F 81 -4.73 31.69 -0.32
N GLU F 82 -4.12 30.56 -0.70
CA GLU F 82 -2.68 30.47 -0.94
C GLU F 82 -2.42 29.48 -2.09
N VAL F 83 -1.33 29.72 -2.80
CA VAL F 83 -0.89 28.83 -3.87
C VAL F 83 0.63 28.64 -3.76
N SER F 84 1.05 27.40 -3.91
CA SER F 84 2.46 27.03 -3.84
C SER F 84 2.85 26.23 -5.09
N THR F 85 4.06 26.45 -5.58
CA THR F 85 4.61 25.68 -6.69
C THR F 85 5.86 24.94 -6.20
N GLU F 86 5.66 23.80 -5.53
CA GLU F 86 6.73 23.05 -4.85
C GLU F 86 7.13 21.82 -5.68
N SER F 87 8.38 21.80 -6.16
CA SER F 87 9.01 20.62 -6.78
C SER F 87 8.17 20.09 -7.95
N ASN F 88 7.82 20.98 -8.89
CA ASN F 88 7.01 20.63 -10.06
C ASN F 88 5.72 19.91 -9.61
N VAL F 89 5.11 20.42 -8.54
CA VAL F 89 3.84 19.90 -8.01
C VAL F 89 3.03 21.09 -7.44
N LEU F 90 1.91 21.41 -8.07
CA LEU F 90 1.09 22.55 -7.64
C LEU F 90 0.15 22.13 -6.50
N LEU F 91 0.09 22.99 -5.49
CA LEU F 91 -0.79 22.82 -4.35
C LEU F 91 -1.62 24.11 -4.16
N ILE F 92 -2.89 24.07 -4.54
CA ILE F 92 -3.77 25.22 -4.35
C ILE F 92 -4.45 25.09 -2.98
N LYS F 93 -4.04 25.94 -2.05
CA LYS F 93 -4.49 25.84 -0.68
C LYS F 93 -5.65 26.83 -0.47
N SER F 94 -6.62 26.42 0.35
CA SER F 94 -7.76 27.25 0.73
C SER F 94 -8.05 27.08 2.23
N LYS F 95 -7.35 27.83 3.08
CA LYS F 95 -7.45 27.70 4.54
C LYS F 95 -8.05 28.97 5.16
N ALA F 96 -9.30 28.87 5.59
CA ALA F 96 -9.93 29.91 6.39
C ALA F 96 -9.05 30.18 7.60
N PRO F 97 -8.74 31.45 7.88
CA PRO F 97 -7.81 31.78 8.95
C PRO F 97 -8.44 31.51 10.34
N HIS F 98 -9.66 31.99 10.55
CA HIS F 98 -10.44 31.66 11.75
C HIS F 98 -11.86 31.29 11.31
N GLN F 99 -12.89 31.70 12.06
CA GLN F 99 -14.27 31.21 11.88
C GLN F 99 -15.26 32.36 12.14
N HIS F 100 -16.57 32.09 12.06
CA HIS F 100 -17.62 33.09 12.36
C HIS F 100 -18.54 32.57 13.49
N THR F 101 -19.02 33.48 14.33
CA THR F 101 -19.91 33.11 15.45
C THR F 101 -21.23 32.55 14.89
N ASP F 102 -21.46 31.26 15.12
CA ASP F 102 -22.60 30.54 14.55
C ASP F 102 -23.56 30.13 15.67
N PRO F 103 -24.64 30.90 15.88
CA PRO F 103 -25.68 30.52 16.83
C PRO F 103 -26.62 29.47 16.23
N ASP F 104 -26.60 28.25 16.77
CA ASP F 104 -27.34 27.10 16.19
C ASP F 104 -28.85 27.27 16.44
N HIS F 105 -29.27 28.39 17.00
CA HIS F 105 -30.66 28.60 17.37
C HIS F 105 -31.54 28.68 16.11
N GLU F 106 -31.29 29.69 15.27
CA GLU F 106 -32.19 30.00 14.14
C GLU F 106 -31.59 29.51 12.81
N TYR F 107 -30.34 29.05 12.82
CA TYR F 107 -29.70 28.55 11.58
C TYR F 107 -30.26 27.16 11.25
N ILE F 108 -30.48 26.88 9.96
CA ILE F 108 -31.29 25.73 9.53
C ILE F 108 -30.40 24.71 8.80
N HIS F 109 -30.62 24.50 7.49
CA HIS F 109 -30.06 23.33 6.80
C HIS F 109 -28.85 23.80 5.99
N ARG F 110 -27.70 23.81 6.67
CA ARG F 110 -26.46 24.35 6.10
C ARG F 110 -25.96 23.40 5.00
N GLY F 111 -26.15 23.83 3.75
CA GLY F 111 -25.72 23.08 2.59
C GLY F 111 -24.23 23.23 2.32
N VAL F 112 -23.70 24.45 2.49
CA VAL F 112 -22.30 24.75 2.21
C VAL F 112 -21.44 24.28 3.39
N SER F 113 -20.87 23.09 3.26
CA SER F 113 -19.89 22.61 4.22
C SER F 113 -18.58 23.38 4.03
N THR F 114 -18.32 24.31 4.94
CA THR F 114 -17.12 25.13 4.89
C THR F 114 -15.95 24.34 5.49
N ARG F 115 -14.93 24.08 4.67
CA ARG F 115 -13.81 23.20 5.04
C ARG F 115 -12.52 23.66 4.36
N THR F 116 -11.38 23.37 4.98
CA THR F 116 -10.05 23.62 4.40
C THR F 116 -9.68 22.45 3.48
N PHE F 117 -8.94 22.72 2.40
CA PHE F 117 -8.51 21.65 1.47
C PHE F 117 -7.17 21.99 0.80
N ALA F 118 -6.32 20.96 0.68
CA ALA F 118 -5.07 21.04 -0.08
C ALA F 118 -5.14 20.09 -1.28
N ARG F 119 -4.85 20.62 -2.47
CA ARG F 119 -5.04 19.89 -3.72
C ARG F 119 -3.71 19.83 -4.50
N GLY F 120 -3.18 18.63 -4.64
CA GLY F 120 -1.89 18.42 -5.30
C GLY F 120 -2.05 17.79 -6.67
N PHE F 121 -1.18 18.21 -7.60
CA PHE F 121 -1.12 17.64 -8.95
C PHE F 121 0.33 17.66 -9.44
N ASN F 122 0.85 16.48 -9.81
CA ASN F 122 2.22 16.36 -10.31
C ASN F 122 2.27 16.84 -11.76
N LEU F 123 2.99 17.93 -11.99
CA LEU F 123 3.03 18.58 -13.29
C LEU F 123 4.01 17.84 -14.21
N SER F 124 3.81 18.00 -15.51
CA SER F 124 4.75 17.52 -16.52
C SER F 124 5.92 18.50 -16.62
N ASP F 125 7.13 18.02 -16.33
CA ASP F 125 8.30 18.88 -16.25
C ASP F 125 8.35 19.79 -17.48
N ASP F 126 8.38 21.10 -17.29
CA ASP F 126 8.38 21.77 -15.97
C ASP F 126 7.36 22.90 -16.00
N VAL F 127 6.17 22.81 -15.38
CA VAL F 127 5.01 23.77 -15.62
C VAL F 127 5.20 25.11 -14.87
N GLU F 128 4.83 26.24 -15.51
CA GLU F 128 5.07 27.63 -15.00
C GLU F 128 3.74 28.40 -14.93
N ILE F 129 3.71 29.45 -14.10
CA ILE F 129 2.51 30.28 -13.93
C ILE F 129 2.64 31.54 -14.81
N GLY F 130 1.50 32.05 -15.25
CA GLY F 130 1.42 33.26 -16.07
C GLY F 130 0.66 34.38 -15.38
N LYS F 131 -0.62 34.15 -15.07
CA LYS F 131 -1.50 35.15 -14.44
C LYS F 131 -2.54 34.44 -13.56
N VAL F 132 -2.99 35.15 -12.52
CA VAL F 132 -4.13 34.73 -11.70
C VAL F 132 -5.01 35.96 -11.48
N SER F 133 -6.29 35.86 -11.84
CA SER F 133 -7.24 36.99 -11.76
C SER F 133 -8.50 36.61 -10.97
N PHE F 134 -8.69 37.27 -9.82
CA PHE F 134 -9.85 37.02 -8.96
C PHE F 134 -10.99 37.95 -9.38
N GLN F 135 -12.05 37.40 -9.98
CA GLN F 135 -13.20 38.21 -10.43
C GLN F 135 -14.47 37.35 -10.54
N ASP F 136 -15.59 37.91 -10.07
CA ASP F 136 -16.91 37.25 -10.06
C ASP F 136 -16.86 35.97 -9.23
N GLY F 137 -16.03 35.95 -8.19
CA GLY F 137 -15.88 34.78 -7.33
C GLY F 137 -15.26 33.59 -8.07
N LEU F 138 -14.44 33.86 -9.08
CA LEU F 138 -13.76 32.81 -9.84
C LEU F 138 -12.24 32.99 -9.70
N LEU F 139 -11.51 31.87 -9.73
CA LEU F 139 -10.04 31.90 -9.87
C LEU F 139 -9.67 31.41 -11.28
N VAL F 140 -9.05 32.27 -12.07
CA VAL F 140 -8.65 31.96 -13.46
C VAL F 140 -7.12 31.96 -13.54
N ILE F 141 -6.51 30.77 -13.45
CA ILE F 141 -5.05 30.61 -13.34
C ILE F 141 -4.48 30.20 -14.70
N ASP F 142 -3.53 30.98 -15.22
CA ASP F 142 -2.90 30.73 -16.54
C ASP F 142 -1.49 30.18 -16.35
N LEU F 143 -1.25 28.96 -16.84
CA LEU F 143 0.08 28.35 -16.80
C LEU F 143 0.67 28.36 -18.21
N GLN F 144 1.99 28.19 -18.34
CA GLN F 144 2.65 28.30 -19.65
C GLN F 144 3.89 27.40 -19.74
N LYS F 145 3.85 26.32 -20.53
CA LYS F 145 5.06 25.51 -20.80
C LYS F 145 4.89 24.60 -22.02
N ILE F 146 5.97 24.45 -22.77
CA ILE F 146 5.97 23.56 -23.98
C ILE F 146 7.42 23.28 -24.35
N ILE F 147 7.87 23.80 -25.50
CA ILE F 147 9.27 23.62 -25.96
C ILE F 147 9.65 22.14 -25.95
N PRO F 148 8.78 21.25 -26.45
CA PRO F 148 9.07 19.83 -26.53
C PRO F 148 9.68 19.44 -27.89
N ASP F 149 9.84 20.42 -28.79
CA ASP F 149 10.30 20.19 -30.17
C ASP F 149 9.45 19.09 -30.83
N HIS F 150 8.18 19.00 -30.45
CA HIS F 150 7.24 18.00 -30.96
C HIS F 150 5.82 18.58 -30.90
N GLN F 151 5.43 19.35 -31.91
CA GLN F 151 4.11 20.02 -31.93
C GLN F 151 3.62 20.13 -33.37
#